data_3APQ
#
_entry.id   3APQ
#
_cell.length_a   54.008
_cell.length_b   61.179
_cell.length_c   62.912
_cell.angle_alpha   90.00
_cell.angle_beta   106.34
_cell.angle_gamma   90.00
#
_symmetry.space_group_name_H-M   'P 1 21 1'
#
loop_
_entity.id
_entity.type
_entity.pdbx_description
1 polymer 'DnaJ homolog subfamily C member 10'
2 water water
#
_entity_poly.entity_id   1
_entity_poly.type   'polypeptide(L)'
_entity_poly.pdbx_seq_one_letter_code
;IQNFYSLLGVSKTASSREIRQAFKKLALKLHPDKNPNNPNAHGDFLKINRAYEVLKDEDLRKKYDKYGEKGLEDNQGGQY
ESWSYYRYDFGIYDDDPEIITLERREFDAAVNSGELWFVNFYSPGCSHCHDLAPTWREFAKEVDGLLRIGAVNCGDDRML
CRMKGVNSYPSLFIFRSGMAAVKYNGDRSKESLVAFAMQHVRSTVTELST
;
_entity_poly.pdbx_strand_id   A,B
#
# COMPACT_ATOMS: atom_id res chain seq x y z
N ILE A 1 17.30 10.48 12.79
CA ILE A 1 17.16 9.50 13.95
C ILE A 1 16.44 8.25 13.40
N GLN A 2 17.04 7.08 13.63
CA GLN A 2 16.50 5.81 13.09
C GLN A 2 15.12 5.44 13.65
N ASN A 3 14.26 4.85 12.83
CA ASN A 3 13.03 4.29 13.37
C ASN A 3 12.74 3.06 12.55
N PHE A 4 11.71 2.29 12.93
CA PHE A 4 11.48 1.02 12.27
C PHE A 4 11.17 1.14 10.79
N TYR A 5 10.46 2.21 10.44
CA TYR A 5 10.10 2.51 9.07
C TYR A 5 11.33 2.77 8.20
N SER A 6 12.16 3.72 8.63
CA SER A 6 13.35 4.04 7.84
C SER A 6 14.34 2.86 7.83
N LEU A 7 14.34 2.03 8.88
CA LEU A 7 15.18 0.83 8.85
C LEU A 7 14.76 -0.09 7.71
N LEU A 8 13.46 -0.23 7.52
CA LEU A 8 12.98 -1.06 6.40
C LEU A 8 12.93 -0.31 5.06
N GLY A 9 13.09 1.01 5.10
CA GLY A 9 13.08 1.86 3.88
C GLY A 9 11.68 2.12 3.37
N VAL A 10 10.69 2.16 4.27
CA VAL A 10 9.28 2.36 3.86
C VAL A 10 8.73 3.56 4.59
N SER A 11 7.58 4.05 4.07
CA SER A 11 6.89 5.12 4.72
C SER A 11 6.15 4.76 6.02
N LYS A 12 5.91 5.76 6.89
CA LYS A 12 5.07 5.49 8.08
C LYS A 12 3.66 5.01 7.70
N THR A 13 3.16 5.38 6.52
CA THR A 13 1.83 4.95 6.11
C THR A 13 1.84 3.65 5.29
N ALA A 14 2.96 2.94 5.21
CA ALA A 14 3.03 1.72 4.39
C ALA A 14 1.99 0.71 4.82
N SER A 15 1.41 -0.04 3.87
CA SER A 15 0.52 -1.16 4.22
C SER A 15 1.37 -2.34 4.79
N SER A 16 0.69 -3.36 5.35
CA SER A 16 1.40 -4.59 5.84
C SER A 16 2.06 -5.27 4.68
N ARG A 17 1.38 -5.29 3.52
CA ARG A 17 1.99 -5.87 2.33
CA ARG A 17 1.97 -5.84 2.30
C ARG A 17 3.29 -5.15 1.98
N GLU A 18 3.31 -3.81 1.97
CA GLU A 18 4.56 -3.07 1.60
C GLU A 18 5.70 -3.36 2.54
N ILE A 19 5.35 -3.37 3.81
CA ILE A 19 6.29 -3.74 4.87
C ILE A 19 6.88 -5.16 4.66
N ARG A 20 6.05 -6.15 4.35
CA ARG A 20 6.61 -7.49 4.05
C ARG A 20 7.55 -7.46 2.90
N GLN A 21 7.15 -6.78 1.84
CA GLN A 21 7.98 -6.76 0.65
C GLN A 21 9.34 -6.10 0.92
N ALA A 22 9.35 -5.06 1.76
CA ALA A 22 10.61 -4.36 1.98
C ALA A 22 11.51 -5.25 2.82
N PHE A 23 10.92 -5.80 3.87
CA PHE A 23 11.61 -6.77 4.76
C PHE A 23 12.15 -7.98 3.95
N LYS A 24 11.31 -8.58 3.11
CA LYS A 24 11.77 -9.71 2.29
C LYS A 24 13.00 -9.41 1.44
N LYS A 25 13.03 -8.25 0.81
CA LYS A 25 14.13 -7.86 -0.02
C LYS A 25 15.47 -7.81 0.80
N LEU A 26 15.36 -7.26 1.99
CA LEU A 26 16.46 -7.15 2.93
CA LEU A 26 16.48 -7.16 2.89
C LEU A 26 16.91 -8.58 3.29
N ALA A 27 15.94 -9.42 3.65
CA ALA A 27 16.26 -10.83 3.98
C ALA A 27 16.91 -11.65 2.85
N LEU A 28 16.41 -11.57 1.64
CA LEU A 28 17.01 -12.36 0.55
C LEU A 28 18.45 -11.94 0.21
N LYS A 29 18.83 -10.70 0.53
CA LYS A 29 20.21 -10.27 0.28
C LYS A 29 21.06 -10.52 1.48
N LEU A 30 20.55 -10.21 2.66
CA LEU A 30 21.37 -10.15 3.87
C LEU A 30 21.34 -11.30 4.86
N HIS A 31 20.51 -12.32 4.65
CA HIS A 31 20.32 -13.35 5.63
C HIS A 31 21.71 -13.86 6.09
N PRO A 32 21.95 -13.99 7.41
CA PRO A 32 23.22 -14.48 7.99
C PRO A 32 23.70 -15.85 7.44
N ASP A 33 22.78 -16.77 7.21
CA ASP A 33 23.14 -18.10 6.69
C ASP A 33 23.77 -17.98 5.30
N LYS A 34 23.36 -16.95 4.56
CA LYS A 34 23.86 -16.75 3.19
C LYS A 34 25.09 -15.83 3.18
N ASN A 35 25.45 -15.29 4.34
CA ASN A 35 26.59 -14.36 4.39
C ASN A 35 27.57 -14.75 5.54
N PRO A 36 28.09 -15.99 5.52
CA PRO A 36 28.75 -16.47 6.75
C PRO A 36 30.08 -15.79 6.98
N ASN A 37 30.59 -15.19 5.92
CA ASN A 37 31.86 -14.53 6.04
C ASN A 37 31.75 -13.16 6.65
N ASN A 38 30.53 -12.70 6.85
CA ASN A 38 30.28 -11.40 7.49
C ASN A 38 29.83 -11.59 8.96
N PRO A 39 30.70 -11.28 9.94
CA PRO A 39 30.43 -11.41 11.40
C PRO A 39 29.23 -10.60 11.94
N ASN A 40 28.95 -9.45 11.34
CA ASN A 40 27.85 -8.58 11.75
C ASN A 40 26.52 -8.97 11.10
N ALA A 41 26.56 -9.85 10.11
CA ALA A 41 25.30 -10.22 9.43
C ALA A 41 24.21 -10.63 10.40
N HIS A 42 24.54 -11.47 11.38
CA HIS A 42 23.55 -11.91 12.37
C HIS A 42 22.95 -10.70 13.11
N GLY A 43 23.80 -9.85 13.69
CA GLY A 43 23.31 -8.69 14.49
C GLY A 43 22.43 -7.71 13.71
N ASP A 44 22.92 -7.37 12.51
CA ASP A 44 22.20 -6.51 11.57
C ASP A 44 20.78 -7.09 11.27
N PHE A 45 20.72 -8.39 10.97
CA PHE A 45 19.43 -9.00 10.65
C PHE A 45 18.46 -9.04 11.84
N LEU A 46 19.00 -9.31 13.02
CA LEU A 46 18.19 -9.28 14.25
C LEU A 46 17.43 -7.94 14.36
N LYS A 47 18.10 -6.83 14.06
CA LYS A 47 17.49 -5.50 14.16
C LYS A 47 16.38 -5.33 13.14
N ILE A 48 16.61 -5.79 11.91
CA ILE A 48 15.58 -5.69 10.85
C ILE A 48 14.42 -6.59 11.24
N ASN A 49 14.72 -7.83 11.68
CA ASN A 49 13.65 -8.75 12.09
C ASN A 49 12.79 -8.19 13.24
N ARG A 50 13.43 -7.55 14.23
CA ARG A 50 12.73 -6.98 15.38
C ARG A 50 11.77 -5.88 14.93
N ALA A 51 12.27 -5.03 14.04
CA ALA A 51 11.42 -4.01 13.34
C ALA A 51 10.21 -4.62 12.64
N TYR A 52 10.46 -5.57 11.76
CA TYR A 52 9.39 -6.28 11.05
C TYR A 52 8.40 -6.90 12.04
N GLU A 53 8.87 -7.55 13.11
CA GLU A 53 7.89 -8.20 13.99
C GLU A 53 6.98 -7.22 14.74
N VAL A 54 7.44 -6.00 14.91
CA VAL A 54 6.59 -5.02 15.57
C VAL A 54 5.59 -4.44 14.52
N LEU A 55 6.11 -4.07 13.36
CA LEU A 55 5.28 -3.38 12.36
C LEU A 55 4.25 -4.34 11.77
N LYS A 56 4.56 -5.64 11.72
CA LYS A 56 3.61 -6.61 11.16
C LYS A 56 2.35 -6.78 11.97
N ASP A 57 2.35 -6.40 13.23
CA ASP A 57 1.20 -6.68 14.09
C ASP A 57 0.45 -5.38 14.31
N GLU A 58 -0.85 -5.36 14.04
CA GLU A 58 -1.58 -4.08 14.16
C GLU A 58 -1.50 -3.41 15.54
N ASP A 59 -1.68 -4.18 16.61
CA ASP A 59 -1.61 -3.63 17.96
C ASP A 59 -0.23 -3.06 18.29
N LEU A 60 0.79 -3.83 17.94
CA LEU A 60 2.17 -3.45 18.26
C LEU A 60 2.62 -2.25 17.43
N ARG A 61 2.23 -2.23 16.14
CA ARG A 61 2.51 -1.06 15.30
C ARG A 61 1.82 0.21 15.85
N LYS A 62 0.57 0.07 16.28
CA LYS A 62 -0.17 1.24 16.81
C LYS A 62 0.55 1.84 18.03
N LYS A 63 0.96 0.93 18.90
CA LYS A 63 1.71 1.28 20.09
C LYS A 63 3.04 1.96 19.71
N TYR A 64 3.78 1.37 18.76
CA TYR A 64 5.02 1.95 18.27
C TYR A 64 4.83 3.34 17.67
N ASP A 65 3.77 3.48 16.86
CA ASP A 65 3.45 4.78 16.24
C ASP A 65 3.22 5.83 17.26
N LYS A 66 2.55 5.44 18.34
CA LYS A 66 2.19 6.39 19.37
C LYS A 66 3.31 6.73 20.36
N TYR A 67 4.09 5.73 20.74
CA TYR A 67 5.00 5.81 21.86
C TYR A 67 6.45 5.45 21.58
N GLY A 68 6.80 5.15 20.33
CA GLY A 68 8.10 4.53 20.07
C GLY A 68 8.23 3.18 20.73
N GLU A 69 9.43 2.87 21.24
CA GLU A 69 9.77 1.50 21.63
C GLU A 69 9.33 1.13 23.05
N LYS A 70 8.31 1.82 23.55
CA LYS A 70 7.82 1.60 24.89
C LYS A 70 7.49 0.10 25.11
N GLY A 71 7.95 -0.46 26.24
CA GLY A 71 7.69 -1.85 26.56
C GLY A 71 8.44 -2.90 25.74
N LEU A 72 9.23 -2.47 24.75
CA LEU A 72 10.05 -3.42 23.95
C LEU A 72 11.35 -3.73 24.68
N GLU A 73 11.97 -4.87 24.37
CA GLU A 73 13.31 -5.19 24.88
C GLU A 73 14.34 -5.10 23.75
N ASP A 74 15.56 -4.74 24.11
CA ASP A 74 16.63 -4.62 23.11
C ASP A 74 16.90 -5.95 22.38
N ASN A 75 16.73 -7.08 23.07
CA ASN A 75 17.02 -8.37 22.43
C ASN A 75 15.82 -9.20 21.95
N GLN A 76 14.60 -8.64 21.96
CA GLN A 76 13.43 -9.36 21.42
C GLN A 76 13.49 -9.34 19.87
N GLY A 77 12.65 -10.14 19.22
CA GLY A 77 12.70 -10.27 17.74
C GLY A 77 13.95 -11.01 17.29
N GLY A 78 14.37 -12.00 18.07
CA GLY A 78 15.61 -12.72 17.79
C GLY A 78 15.45 -14.03 17.02
N GLN A 79 14.22 -14.44 16.74
CA GLN A 79 14.00 -15.76 16.16
C GLN A 79 13.62 -15.59 14.70
N TYR A 80 14.54 -15.88 13.80
CA TYR A 80 14.23 -15.68 12.40
C TYR A 80 14.26 -17.04 11.73
N GLU A 81 13.77 -17.07 10.51
CA GLU A 81 13.63 -18.29 9.73
C GLU A 81 14.76 -18.40 8.70
N SER A 82 14.76 -19.50 7.98
CA SER A 82 15.76 -19.75 6.95
C SER A 82 15.61 -18.81 5.74
N TRP A 83 16.68 -18.65 4.97
CA TRP A 83 16.59 -17.90 3.71
C TRP A 83 15.48 -18.48 2.83
N SER A 84 15.42 -19.80 2.76
CA SER A 84 14.42 -20.50 1.95
C SER A 84 12.99 -20.12 2.38
N TYR A 85 12.77 -20.06 3.68
CA TYR A 85 11.49 -19.58 4.18
C TYR A 85 11.15 -18.21 3.59
N TYR A 86 12.10 -17.25 3.59
CA TYR A 86 11.78 -15.91 3.06
C TYR A 86 11.61 -15.95 1.55
N ARG A 87 12.36 -16.85 0.90
CA ARG A 87 12.35 -16.84 -0.54
C ARG A 87 11.06 -17.43 -1.05
N TYR A 88 10.53 -18.49 -0.42
CA TYR A 88 9.43 -19.23 -1.00
C TYR A 88 8.18 -19.30 -0.11
N ASP A 89 8.29 -18.95 1.18
CA ASP A 89 7.17 -19.24 2.12
C ASP A 89 6.69 -18.02 2.91
N PHE A 90 6.95 -16.85 2.34
CA PHE A 90 6.75 -15.58 3.04
C PHE A 90 5.98 -14.61 2.11
N GLY A 91 4.89 -14.03 2.61
CA GLY A 91 4.09 -13.09 1.79
C GLY A 91 3.64 -13.71 0.48
N ILE A 92 3.13 -14.95 0.59
CA ILE A 92 2.88 -15.81 -0.57
C ILE A 92 2.17 -15.12 -1.72
N TYR A 93 1.16 -14.34 -1.38
CA TYR A 93 0.32 -13.79 -2.47
C TYR A 93 0.54 -12.33 -2.71
N ASP A 94 1.63 -11.78 -2.18
CA ASP A 94 1.92 -10.32 -2.28
C ASP A 94 2.17 -9.80 -3.68
N ASP A 95 2.57 -10.68 -4.61
CA ASP A 95 2.74 -10.26 -5.98
C ASP A 95 1.59 -10.65 -6.90
N ASP A 96 0.43 -11.05 -6.34
CA ASP A 96 -0.77 -11.44 -7.07
C ASP A 96 -1.83 -10.39 -6.76
N PRO A 97 -2.00 -9.39 -7.65
CA PRO A 97 -2.88 -8.30 -7.30
C PRO A 97 -4.36 -8.74 -7.24
N GLU A 98 -4.67 -9.90 -7.83
CA GLU A 98 -6.06 -10.45 -7.79
C GLU A 98 -6.52 -11.06 -6.49
N ILE A 99 -5.57 -11.23 -5.59
CA ILE A 99 -5.80 -11.82 -4.30
C ILE A 99 -5.54 -10.83 -3.15
N ILE A 100 -6.49 -10.70 -2.26
CA ILE A 100 -6.21 -9.78 -1.14
C ILE A 100 -5.82 -10.61 0.09
N THR A 101 -4.64 -10.32 0.69
CA THR A 101 -4.24 -11.03 1.90
C THR A 101 -4.77 -10.23 3.07
N LEU A 102 -5.64 -10.88 3.86
CA LEU A 102 -6.44 -10.18 4.87
C LEU A 102 -5.85 -10.46 6.22
N GLU A 103 -5.62 -9.40 6.99
CA GLU A 103 -5.37 -9.53 8.42
C GLU A 103 -6.68 -9.42 9.20
N ARG A 104 -6.68 -9.62 10.52
CA ARG A 104 -7.97 -9.67 11.28
C ARG A 104 -8.96 -8.51 11.01
N ARG A 105 -8.51 -7.25 11.08
CA ARG A 105 -9.48 -6.11 10.93
C ARG A 105 -10.15 -6.16 9.55
N GLU A 106 -9.31 -6.37 8.54
CA GLU A 106 -9.80 -6.39 7.17
C GLU A 106 -10.63 -7.65 6.92
N PHE A 107 -10.28 -8.78 7.53
CA PHE A 107 -11.10 -9.99 7.38
C PHE A 107 -12.50 -9.75 7.94
N ASP A 108 -12.60 -9.24 9.18
CA ASP A 108 -13.89 -8.95 9.77
C ASP A 108 -14.74 -7.97 8.96
N ALA A 109 -14.12 -6.90 8.44
CA ALA A 109 -14.81 -5.99 7.52
C ALA A 109 -15.32 -6.70 6.26
N ALA A 110 -14.46 -7.50 5.62
CA ALA A 110 -14.84 -8.30 4.46
C ALA A 110 -16.08 -9.11 4.71
N VAL A 111 -16.08 -9.91 5.78
CA VAL A 111 -17.25 -10.80 6.04
C VAL A 111 -18.51 -10.02 6.52
N ASN A 112 -18.33 -8.77 6.94
CA ASN A 112 -19.46 -7.96 7.37
C ASN A 112 -20.05 -7.09 6.26
N SER A 113 -19.26 -6.87 5.21
CA SER A 113 -19.61 -5.89 4.19
C SER A 113 -20.80 -6.29 3.37
N GLY A 114 -21.06 -7.59 3.19
CA GLY A 114 -22.09 -8.01 2.23
C GLY A 114 -21.53 -8.49 0.88
N GLU A 115 -20.24 -8.29 0.65
CA GLU A 115 -19.64 -8.75 -0.62
C GLU A 115 -19.35 -10.23 -0.51
N LEU A 116 -19.36 -10.94 -1.63
CA LEU A 116 -19.07 -12.37 -1.61
C LEU A 116 -17.52 -12.58 -1.60
N TRP A 117 -17.00 -13.24 -0.58
CA TRP A 117 -15.54 -13.47 -0.46
C TRP A 117 -15.24 -14.96 -0.44
N PHE A 118 -14.22 -15.38 -1.18
CA PHE A 118 -13.78 -16.76 -1.13
C PHE A 118 -12.34 -16.69 -0.67
N VAL A 119 -12.08 -17.25 0.50
CA VAL A 119 -10.83 -17.08 1.23
C VAL A 119 -10.08 -18.41 1.45
N ASN A 120 -8.79 -18.38 1.14
CA ASN A 120 -7.88 -19.48 1.32
C ASN A 120 -7.14 -19.24 2.62
N PHE A 121 -7.44 -20.07 3.62
CA PHE A 121 -6.75 -20.07 4.92
C PHE A 121 -5.58 -21.03 4.81
N TYR A 122 -4.38 -20.49 4.89
CA TYR A 122 -3.17 -21.32 4.70
C TYR A 122 -2.22 -21.15 5.90
N SER A 123 -1.12 -21.90 5.93
CA SER A 123 -0.18 -21.79 7.01
CA SER A 123 -0.17 -21.76 7.01
C SER A 123 1.22 -21.96 6.40
N PRO A 124 2.25 -21.30 6.98
CA PRO A 124 3.60 -21.48 6.46
C PRO A 124 4.03 -22.97 6.67
N GLY A 125 4.93 -23.47 5.84
CA GLY A 125 5.42 -24.83 6.03
C GLY A 125 4.40 -25.91 5.62
N CYS A 126 3.48 -25.56 4.74
CA CYS A 126 2.36 -26.46 4.45
C CYS A 126 2.46 -26.85 2.98
N SER A 127 2.80 -28.12 2.75
CA SER A 127 3.06 -28.62 1.40
CA SER A 127 3.06 -28.60 1.40
C SER A 127 1.81 -28.56 0.54
N HIS A 128 0.64 -28.88 1.12
CA HIS A 128 -0.63 -28.80 0.37
C HIS A 128 -1.04 -27.37 -0.01
N CYS A 129 -0.66 -26.42 0.85
CA CYS A 129 -0.84 -24.99 0.59
C CYS A 129 0.04 -24.59 -0.59
N HIS A 130 1.30 -25.02 -0.61
CA HIS A 130 2.15 -24.67 -1.74
CA HIS A 130 2.22 -24.73 -1.74
C HIS A 130 1.67 -25.30 -3.03
N ASP A 131 1.09 -26.48 -2.92
CA ASP A 131 0.63 -27.16 -4.10
C ASP A 131 -0.52 -26.39 -4.71
N LEU A 132 -1.39 -25.87 -3.86
CA LEU A 132 -2.58 -25.13 -4.26
C LEU A 132 -2.27 -23.68 -4.76
N ALA A 133 -1.23 -23.06 -4.21
CA ALA A 133 -0.89 -21.67 -4.57
C ALA A 133 -0.96 -21.28 -6.05
N PRO A 134 -0.30 -22.03 -6.97
CA PRO A 134 -0.37 -21.55 -8.35
C PRO A 134 -1.79 -21.59 -8.89
N THR A 135 -2.56 -22.60 -8.53
CA THR A 135 -3.97 -22.71 -8.97
C THR A 135 -4.83 -21.62 -8.36
N TRP A 136 -4.64 -21.31 -7.06
CA TRP A 136 -5.39 -20.23 -6.46
C TRP A 136 -5.12 -18.93 -7.26
N ARG A 137 -3.87 -18.68 -7.63
CA ARG A 137 -3.51 -17.48 -8.41
C ARG A 137 -4.19 -17.49 -9.80
N GLU A 138 -4.18 -18.64 -10.48
CA GLU A 138 -4.78 -18.75 -11.81
C GLU A 138 -6.31 -18.57 -11.73
N PHE A 139 -6.89 -19.18 -10.69
CA PHE A 139 -8.33 -19.04 -10.44
C PHE A 139 -8.69 -17.56 -10.19
N ALA A 140 -7.91 -16.91 -9.32
CA ALA A 140 -8.19 -15.50 -8.98
C ALA A 140 -8.16 -14.60 -10.21
N LYS A 141 -7.29 -14.89 -11.16
CA LYS A 141 -7.30 -14.13 -12.41
C LYS A 141 -8.54 -14.39 -13.22
N GLU A 142 -8.96 -15.65 -13.22
CA GLU A 142 -10.10 -16.02 -14.09
C GLU A 142 -11.40 -15.38 -13.64
N VAL A 143 -11.62 -15.33 -12.33
CA VAL A 143 -12.82 -14.75 -11.76
C VAL A 143 -12.64 -13.32 -11.26
N ASP A 144 -11.55 -12.68 -11.66
CA ASP A 144 -11.29 -11.31 -11.19
C ASP A 144 -12.48 -10.37 -11.39
N GLY A 145 -12.95 -9.76 -10.29
CA GLY A 145 -14.00 -8.76 -10.33
C GLY A 145 -15.39 -9.37 -10.19
N LEU A 146 -15.48 -10.70 -10.26
CA LEU A 146 -16.80 -11.36 -10.19
C LEU A 146 -17.21 -11.64 -8.76
N LEU A 147 -16.20 -11.86 -7.91
CA LEU A 147 -16.32 -11.92 -6.48
C LEU A 147 -14.95 -11.59 -5.91
N ARG A 148 -14.88 -11.48 -4.59
CA ARG A 148 -13.61 -11.10 -3.96
C ARG A 148 -12.87 -12.34 -3.53
N ILE A 149 -11.57 -12.36 -3.83
CA ILE A 149 -10.75 -13.51 -3.53
C ILE A 149 -9.73 -13.09 -2.48
N GLY A 150 -9.71 -13.85 -1.40
CA GLY A 150 -8.84 -13.56 -0.22
C GLY A 150 -7.91 -14.69 0.17
N ALA A 151 -6.97 -14.35 1.05
CA ALA A 151 -6.06 -15.34 1.61
C ALA A 151 -5.83 -14.90 3.03
N VAL A 152 -5.75 -15.86 3.95
CA VAL A 152 -5.41 -15.57 5.34
C VAL A 152 -4.22 -16.44 5.77
N ASN A 153 -3.16 -15.79 6.26
CA ASN A 153 -2.00 -16.49 6.76
C ASN A 153 -2.24 -16.80 8.23
N CYS A 154 -2.64 -18.05 8.47
CA CYS A 154 -2.83 -18.52 9.84
C CYS A 154 -1.56 -18.55 10.66
N GLY A 155 -0.39 -18.56 10.04
CA GLY A 155 0.86 -18.41 10.82
C GLY A 155 0.95 -17.12 11.55
N ASP A 156 0.43 -16.07 10.94
CA ASP A 156 0.41 -14.76 11.57
C ASP A 156 -0.75 -14.48 12.53
N ASP A 157 -1.86 -15.26 12.47
CA ASP A 157 -2.96 -15.12 13.42
C ASP A 157 -3.71 -16.41 13.68
N ARG A 158 -3.19 -17.20 14.61
CA ARG A 158 -3.70 -18.55 14.83
C ARG A 158 -5.10 -18.50 15.35
N MET A 159 -5.36 -17.49 16.18
CA MET A 159 -6.64 -17.43 16.85
CA MET A 159 -6.64 -17.28 16.88
C MET A 159 -7.75 -17.06 15.86
N LEU A 160 -7.46 -16.20 14.89
CA LEU A 160 -8.40 -15.91 13.82
C LEU A 160 -8.79 -17.22 13.14
N CYS A 161 -7.81 -18.01 12.71
CA CYS A 161 -8.11 -19.30 12.08
C CYS A 161 -8.92 -20.20 13.00
N ARG A 162 -8.54 -20.23 14.27
CA ARG A 162 -9.26 -21.11 15.20
C ARG A 162 -10.70 -20.65 15.32
N MET A 163 -10.88 -19.34 15.36
CA MET A 163 -12.20 -18.74 15.54
CA MET A 163 -12.21 -18.76 15.55
C MET A 163 -13.12 -19.18 14.40
N LYS A 164 -12.55 -19.26 13.21
CA LYS A 164 -13.33 -19.57 12.03
C LYS A 164 -13.43 -21.08 11.77
N GLY A 165 -13.04 -21.85 12.78
CA GLY A 165 -13.09 -23.32 12.70
C GLY A 165 -12.13 -23.87 11.65
N VAL A 166 -10.95 -23.27 11.57
CA VAL A 166 -9.88 -23.74 10.70
C VAL A 166 -8.76 -24.40 11.52
N ASN A 167 -8.62 -25.72 11.40
CA ASN A 167 -7.57 -26.45 12.15
C ASN A 167 -6.64 -27.26 11.26
N SER A 168 -6.80 -27.15 9.93
CA SER A 168 -5.98 -27.89 9.00
C SER A 168 -5.93 -27.01 7.73
N TYR A 169 -4.91 -27.22 6.89
CA TYR A 169 -4.62 -26.27 5.82
C TYR A 169 -4.33 -27.02 4.54
N PRO A 170 -4.65 -26.44 3.40
CA PRO A 170 -5.43 -25.20 3.26
C PRO A 170 -6.89 -25.44 3.59
N SER A 171 -7.59 -24.40 4.04
CA SER A 171 -9.04 -24.48 4.23
C SER A 171 -9.67 -23.35 3.42
N LEU A 172 -10.57 -23.69 2.54
CA LEU A 172 -11.13 -22.68 1.64
C LEU A 172 -12.63 -22.50 1.98
N PHE A 173 -13.02 -21.27 2.28
CA PHE A 173 -14.39 -21.01 2.72
C PHE A 173 -14.92 -19.83 1.96
N ILE A 174 -16.19 -19.91 1.60
CA ILE A 174 -16.82 -18.75 0.97
C ILE A 174 -17.77 -18.07 1.98
N PHE A 175 -17.73 -16.73 2.00
CA PHE A 175 -18.45 -15.96 3.05
C PHE A 175 -19.30 -14.87 2.39
N ARG A 176 -20.45 -14.60 2.96
CA ARG A 176 -21.15 -13.36 2.65
C ARG A 176 -21.99 -12.94 3.87
N SER A 177 -21.82 -11.70 4.33
CA SER A 177 -22.63 -11.17 5.41
C SER A 177 -24.07 -11.70 5.37
N GLY A 178 -24.55 -12.15 6.54
CA GLY A 178 -25.93 -12.64 6.61
C GLY A 178 -26.09 -14.10 6.24
N MET A 179 -25.01 -14.74 5.79
CA MET A 179 -25.13 -16.15 5.48
CA MET A 179 -25.01 -16.14 5.28
C MET A 179 -24.02 -16.99 6.12
N ALA A 180 -24.34 -18.25 6.41
CA ALA A 180 -23.34 -19.12 7.05
C ALA A 180 -22.21 -19.38 6.04
N ALA A 181 -20.96 -19.37 6.49
CA ALA A 181 -19.83 -19.73 5.66
C ALA A 181 -20.00 -21.14 5.07
N VAL A 182 -19.57 -21.32 3.83
CA VAL A 182 -19.59 -22.63 3.19
C VAL A 182 -18.14 -23.06 2.86
N LYS A 183 -17.76 -24.23 3.34
CA LYS A 183 -16.45 -24.81 3.02
C LYS A 183 -16.45 -25.42 1.62
N TYR A 184 -15.37 -25.17 0.88
CA TYR A 184 -15.14 -25.82 -0.40
C TYR A 184 -14.55 -27.19 -0.13
N ASN A 185 -15.13 -28.22 -0.77
CA ASN A 185 -14.64 -29.59 -0.65
C ASN A 185 -14.27 -30.31 -1.94
N GLY A 186 -13.94 -29.56 -2.99
CA GLY A 186 -13.67 -30.17 -4.28
C GLY A 186 -12.22 -30.58 -4.48
N ASP A 187 -11.84 -30.85 -5.74
CA ASP A 187 -10.56 -31.50 -6.04
C ASP A 187 -9.43 -30.46 -6.18
N ARG A 188 -9.76 -29.19 -5.93
CA ARG A 188 -8.79 -28.08 -5.95
C ARG A 188 -8.28 -27.78 -7.35
N SER A 189 -8.90 -28.36 -8.38
CA SER A 189 -8.55 -27.94 -9.76
C SER A 189 -9.03 -26.52 -10.06
N LYS A 190 -8.39 -25.82 -11.00
CA LYS A 190 -8.89 -24.49 -11.33
C LYS A 190 -10.36 -24.51 -11.78
N GLU A 191 -10.73 -25.51 -12.59
CA GLU A 191 -12.13 -25.56 -13.09
C GLU A 191 -13.13 -25.83 -11.94
N SER A 192 -12.74 -26.68 -10.99
CA SER A 192 -13.56 -26.93 -9.81
C SER A 192 -13.77 -25.67 -8.94
N LEU A 193 -12.69 -24.91 -8.73
CA LEU A 193 -12.77 -23.64 -7.96
C LEU A 193 -13.69 -22.66 -8.65
N VAL A 194 -13.52 -22.53 -9.97
CA VAL A 194 -14.35 -21.62 -10.79
C VAL A 194 -15.83 -22.01 -10.71
N ALA A 195 -16.14 -23.31 -10.89
CA ALA A 195 -17.53 -23.83 -10.86
C ALA A 195 -18.15 -23.63 -9.49
N PHE A 196 -17.34 -23.78 -8.46
CA PHE A 196 -17.83 -23.54 -7.11
C PHE A 196 -18.10 -22.06 -6.85
N ALA A 197 -17.12 -21.21 -7.18
CA ALA A 197 -17.26 -19.79 -6.95
C ALA A 197 -18.45 -19.24 -7.74
N MET A 198 -18.58 -19.72 -8.96
CA MET A 198 -19.62 -19.21 -9.85
C MET A 198 -21.02 -19.63 -9.42
N GLN A 199 -21.21 -20.82 -8.85
CA GLN A 199 -22.54 -21.05 -8.29
C GLN A 199 -22.89 -20.06 -7.18
N HIS A 200 -21.90 -19.64 -6.39
CA HIS A 200 -22.22 -18.72 -5.33
C HIS A 200 -22.43 -17.30 -5.85
N VAL A 201 -21.68 -16.92 -6.89
CA VAL A 201 -21.85 -15.62 -7.54
C VAL A 201 -23.29 -15.53 -8.10
N ARG A 202 -23.72 -16.59 -8.79
CA ARG A 202 -25.06 -16.72 -9.38
C ARG A 202 -26.18 -16.62 -8.36
N SER A 203 -26.07 -17.39 -7.27
CA SER A 203 -26.99 -17.19 -6.16
C SER A 203 -26.75 -15.78 -5.77
N THR A 204 -27.73 -14.93 -5.91
CA THR A 204 -27.47 -13.69 -5.25
C THR A 204 -28.09 -13.90 -3.85
N VAL A 205 -28.94 -12.99 -3.39
CA VAL A 205 -29.69 -13.27 -2.17
C VAL A 205 -31.13 -13.61 -2.64
N THR A 206 -31.41 -13.28 -3.91
CA THR A 206 -32.67 -13.63 -4.56
C THR A 206 -32.45 -14.42 -5.87
N GLU A 207 -33.57 -14.93 -6.39
CA GLU A 207 -33.62 -15.82 -7.55
C GLU A 207 -34.61 -15.35 -8.55
N LEU A 208 -34.48 -15.85 -9.77
CA LEU A 208 -35.56 -15.77 -10.75
C LEU A 208 -36.32 -17.10 -10.84
N ILE B 1 -11.68 -10.95 -17.06
CA ILE B 1 -12.40 -9.70 -17.50
C ILE B 1 -11.72 -8.44 -16.98
N GLN B 2 -11.38 -7.54 -17.90
CA GLN B 2 -10.64 -6.32 -17.60
C GLN B 2 -11.35 -5.36 -16.63
N ASN B 3 -10.61 -4.79 -15.67
CA ASN B 3 -11.14 -3.68 -14.87
C ASN B 3 -10.02 -2.63 -14.68
N PHE B 4 -10.34 -1.52 -14.05
CA PHE B 4 -9.33 -0.45 -13.90
C PHE B 4 -8.09 -0.90 -13.11
N TYR B 5 -8.30 -1.74 -12.11
CA TYR B 5 -7.14 -2.23 -11.32
C TYR B 5 -6.23 -3.16 -12.13
N SER B 6 -6.81 -4.10 -12.87
CA SER B 6 -6.03 -5.01 -13.66
C SER B 6 -5.38 -4.29 -14.85
N LEU B 7 -6.00 -3.24 -15.40
CA LEU B 7 -5.37 -2.39 -16.40
C LEU B 7 -4.06 -1.77 -15.86
N LEU B 8 -4.00 -1.44 -14.56
CA LEU B 8 -2.77 -0.92 -13.97
C LEU B 8 -1.85 -1.97 -13.38
N GLY B 9 -2.31 -3.22 -13.30
CA GLY B 9 -1.56 -4.27 -12.63
C GLY B 9 -1.47 -4.17 -11.11
N VAL B 10 -2.47 -3.54 -10.48
CA VAL B 10 -2.43 -3.36 -9.02
C VAL B 10 -3.66 -3.99 -8.37
N SER B 11 -3.63 -4.15 -7.05
CA SER B 11 -4.79 -4.72 -6.38
C SER B 11 -5.82 -3.63 -6.07
N LYS B 12 -7.03 -4.09 -5.79
CA LYS B 12 -8.14 -3.22 -5.52
C LYS B 12 -7.90 -2.48 -4.17
N THR B 13 -7.05 -3.02 -3.30
CA THR B 13 -6.74 -2.34 -2.04
C THR B 13 -5.46 -1.44 -2.10
N ALA B 14 -4.96 -1.16 -3.29
CA ALA B 14 -3.76 -0.32 -3.45
C ALA B 14 -3.98 1.11 -2.93
N SER B 15 -2.93 1.72 -2.35
CA SER B 15 -3.01 3.10 -1.94
C SER B 15 -2.97 4.00 -3.18
N SER B 16 -3.33 5.27 -3.04
CA SER B 16 -3.14 6.21 -4.16
C SER B 16 -1.68 6.25 -4.63
N ARG B 17 -0.75 6.18 -3.66
CA ARG B 17 0.67 6.19 -4.02
C ARG B 17 1.03 4.96 -4.86
N GLU B 18 0.50 3.81 -4.46
CA GLU B 18 0.77 2.61 -5.23
C GLU B 18 0.15 2.65 -6.62
N ILE B 19 -1.04 3.21 -6.72
CA ILE B 19 -1.66 3.40 -8.02
C ILE B 19 -0.81 4.36 -8.92
N ARG B 20 -0.36 5.48 -8.37
CA ARG B 20 0.56 6.31 -9.15
C ARG B 20 1.82 5.60 -9.64
N GLN B 21 2.45 4.86 -8.75
CA GLN B 21 3.71 4.19 -9.08
C GLN B 21 3.52 3.20 -10.21
N ALA B 22 2.44 2.44 -10.14
CA ALA B 22 2.13 1.45 -11.18
C ALA B 22 1.83 2.14 -12.49
N PHE B 23 1.07 3.21 -12.42
CA PHE B 23 0.74 3.98 -13.63
C PHE B 23 2.02 4.56 -14.27
N LYS B 24 2.88 5.16 -13.46
CA LYS B 24 4.09 5.75 -14.02
C LYS B 24 4.96 4.72 -14.70
N LYS B 25 5.13 3.57 -14.04
CA LYS B 25 5.88 2.47 -14.64
C LYS B 25 5.32 2.12 -15.98
N LEU B 26 4.01 1.97 -16.05
CA LEU B 26 3.39 1.68 -17.33
C LEU B 26 3.52 2.82 -18.33
N ALA B 27 3.34 4.07 -17.89
CA ALA B 27 3.43 5.20 -18.83
C ALA B 27 4.84 5.22 -19.42
N LEU B 28 5.87 4.89 -18.65
CA LEU B 28 7.21 5.09 -19.17
C LEU B 28 7.53 4.01 -20.20
N LYS B 29 6.86 2.86 -20.12
CA LYS B 29 7.05 1.73 -21.01
C LYS B 29 6.24 1.89 -22.25
N LEU B 30 4.96 2.23 -22.02
CA LEU B 30 3.94 2.13 -23.07
C LEU B 30 3.61 3.44 -23.76
N HIS B 31 4.28 4.54 -23.39
CA HIS B 31 3.82 5.84 -23.90
C HIS B 31 3.98 5.78 -25.43
N PRO B 32 2.99 6.30 -26.14
CA PRO B 32 3.10 6.27 -27.62
C PRO B 32 4.40 6.93 -28.15
N ASP B 33 4.92 7.96 -27.48
CA ASP B 33 6.19 8.67 -27.87
C ASP B 33 7.33 7.68 -28.02
N LYS B 34 7.31 6.62 -27.19
CA LYS B 34 8.37 5.66 -27.14
C LYS B 34 8.01 4.35 -27.82
N ASN B 35 6.85 4.28 -28.47
CA ASN B 35 6.42 3.06 -29.18
C ASN B 35 5.91 3.28 -30.65
N PRO B 36 6.80 3.82 -31.51
CA PRO B 36 6.50 3.99 -32.95
C PRO B 36 6.06 2.71 -33.67
N ASN B 37 6.47 1.55 -33.20
CA ASN B 37 6.18 0.29 -33.91
C ASN B 37 4.86 -0.37 -33.54
N ASN B 38 4.15 0.23 -32.57
CA ASN B 38 2.80 -0.16 -32.22
C ASN B 38 1.76 0.89 -32.68
N PRO B 39 1.00 0.57 -33.74
CA PRO B 39 -0.01 1.49 -34.23
C PRO B 39 -1.18 1.67 -33.25
N ASN B 40 -1.33 0.72 -32.31
CA ASN B 40 -2.31 0.78 -31.23
C ASN B 40 -1.75 1.34 -29.94
N ALA B 41 -0.60 1.99 -30.01
CA ALA B 41 0.02 2.49 -28.74
C ALA B 41 -0.95 3.47 -28.04
N HIS B 42 -1.60 4.30 -28.85
CA HIS B 42 -2.44 5.37 -28.30
C HIS B 42 -3.66 4.75 -27.68
N GLY B 43 -4.33 3.86 -28.42
CA GLY B 43 -5.50 3.13 -27.92
C GLY B 43 -5.22 2.43 -26.59
N ASP B 44 -4.08 1.74 -26.52
CA ASP B 44 -3.70 1.03 -25.30
C ASP B 44 -3.46 1.98 -24.16
N PHE B 45 -2.77 3.09 -24.44
CA PHE B 45 -2.38 3.96 -23.37
C PHE B 45 -3.55 4.76 -22.83
N LEU B 46 -4.49 5.05 -23.73
CA LEU B 46 -5.74 5.76 -23.37
C LEU B 46 -6.50 4.97 -22.30
N LYS B 47 -6.67 3.66 -22.47
CA LYS B 47 -7.39 2.86 -21.46
C LYS B 47 -6.68 2.88 -20.12
N ILE B 48 -5.34 2.84 -20.13
CA ILE B 48 -4.55 2.93 -18.88
C ILE B 48 -4.72 4.31 -18.18
N ASN B 49 -4.61 5.39 -18.95
CA ASN B 49 -4.80 6.72 -18.36
C ASN B 49 -6.23 6.90 -17.86
N ARG B 50 -7.18 6.37 -18.61
CA ARG B 50 -8.55 6.46 -18.11
C ARG B 50 -8.74 5.76 -16.74
N ALA B 51 -8.16 4.59 -16.58
CA ALA B 51 -8.17 3.86 -15.29
C ALA B 51 -7.52 4.74 -14.22
N TYR B 52 -6.34 5.26 -14.51
CA TYR B 52 -5.58 6.10 -13.57
C TYR B 52 -6.46 7.31 -13.18
N GLU B 53 -7.11 7.96 -14.15
CA GLU B 53 -7.88 9.18 -13.84
C GLU B 53 -9.06 8.91 -12.93
N VAL B 54 -9.61 7.70 -13.00
CA VAL B 54 -10.69 7.37 -12.12
C VAL B 54 -10.14 6.93 -10.76
N LEU B 55 -9.18 6.01 -10.76
CA LEU B 55 -8.66 5.46 -9.51
C LEU B 55 -7.91 6.49 -8.64
N LYS B 56 -7.34 7.52 -9.25
CA LYS B 56 -6.55 8.53 -8.48
C LYS B 56 -7.46 9.43 -7.66
N ASP B 57 -8.75 9.48 -8.01
CA ASP B 57 -9.69 10.40 -7.34
C ASP B 57 -10.49 9.58 -6.34
N GLU B 58 -10.32 9.87 -5.03
CA GLU B 58 -10.96 9.06 -3.96
C GLU B 58 -12.47 8.88 -4.15
N ASP B 59 -13.14 9.97 -4.52
CA ASP B 59 -14.59 9.91 -4.77
C ASP B 59 -15.01 9.05 -5.96
N LEU B 60 -14.34 9.24 -7.10
CA LEU B 60 -14.58 8.43 -8.31
C LEU B 60 -14.24 6.96 -8.11
N ARG B 61 -13.16 6.75 -7.38
CA ARG B 61 -12.74 5.38 -7.07
C ARG B 61 -13.76 4.67 -6.21
N LYS B 62 -14.28 5.36 -5.19
CA LYS B 62 -15.32 4.74 -4.34
C LYS B 62 -16.60 4.38 -5.15
N LYS B 63 -17.00 5.30 -6.02
CA LYS B 63 -18.18 5.09 -6.91
C LYS B 63 -17.89 3.89 -7.81
N TYR B 64 -16.68 3.88 -8.38
CA TYR B 64 -16.31 2.81 -9.29
C TYR B 64 -16.30 1.46 -8.58
N ASP B 65 -15.73 1.40 -7.35
CA ASP B 65 -15.68 0.18 -6.56
C ASP B 65 -17.06 -0.41 -6.33
N LYS B 66 -18.05 0.47 -6.20
CA LYS B 66 -19.45 0.07 -6.01
C LYS B 66 -20.20 -0.25 -7.34
N TYR B 67 -20.09 0.62 -8.34
CA TYR B 67 -21.04 0.56 -9.46
C TYR B 67 -20.44 0.24 -10.83
N GLY B 68 -19.13 0.05 -10.85
CA GLY B 68 -18.42 -0.13 -12.10
C GLY B 68 -18.40 1.23 -12.78
N GLU B 69 -18.49 1.20 -14.10
CA GLU B 69 -18.37 2.40 -14.88
C GLU B 69 -19.67 3.22 -15.02
N LYS B 70 -20.69 2.94 -14.21
CA LYS B 70 -21.85 3.83 -14.17
C LYS B 70 -21.39 5.28 -14.12
N GLY B 71 -21.96 6.11 -14.99
CA GLY B 71 -21.71 7.55 -14.92
C GLY B 71 -20.43 8.11 -15.55
N LEU B 72 -19.49 7.27 -15.97
CA LEU B 72 -18.30 7.80 -16.66
C LEU B 72 -18.59 8.28 -18.09
N ASN B 75 -15.38 8.48 -23.67
CA ASN B 75 -14.51 9.41 -24.40
C ASN B 75 -13.41 10.01 -23.51
N GLN B 76 -13.36 9.58 -22.24
CA GLN B 76 -12.36 9.97 -21.18
C GLN B 76 -10.96 9.33 -21.36
N GLY B 77 -9.92 9.97 -20.79
CA GLY B 77 -8.50 9.49 -20.82
C GLY B 77 -7.60 10.03 -21.93
N GLY B 78 -8.17 10.84 -22.83
CA GLY B 78 -7.44 11.26 -23.99
C GLY B 78 -6.39 12.33 -23.72
N GLN B 79 -6.49 13.03 -22.60
CA GLN B 79 -5.61 14.14 -22.33
C GLN B 79 -4.37 13.69 -21.53
N TYR B 80 -3.76 12.59 -21.94
CA TYR B 80 -2.55 12.13 -21.26
C TYR B 80 -1.38 13.04 -21.56
N GLU B 81 -0.42 13.06 -20.64
CA GLU B 81 0.79 13.87 -20.75
C GLU B 81 1.90 13.25 -21.60
N SER B 82 2.98 14.01 -21.84
CA SER B 82 4.12 13.51 -22.59
C SER B 82 4.90 12.46 -21.75
N TRP B 83 5.73 11.67 -22.44
CA TRP B 83 6.61 10.73 -21.73
C TRP B 83 7.48 11.54 -20.78
N SER B 84 7.99 12.67 -21.27
CA SER B 84 8.85 13.50 -20.40
C SER B 84 8.21 13.95 -19.06
N TYR B 85 6.96 14.35 -19.14
CA TYR B 85 6.18 14.66 -17.93
C TYR B 85 6.12 13.49 -16.96
N TYR B 86 5.81 12.27 -17.43
CA TYR B 86 5.74 11.17 -16.47
C TYR B 86 7.13 10.84 -15.88
N ARG B 87 8.14 11.06 -16.66
CA ARG B 87 9.49 10.75 -16.25
C ARG B 87 10.03 11.72 -15.21
N TYR B 88 9.71 13.00 -15.36
CA TYR B 88 10.33 14.04 -14.54
C TYR B 88 9.41 14.83 -13.62
N ASP B 89 8.12 14.84 -13.96
CA ASP B 89 7.21 15.78 -13.30
C ASP B 89 5.96 15.12 -12.69
N PHE B 90 6.08 13.84 -12.36
CA PHE B 90 4.94 13.07 -11.90
C PHE B 90 5.27 12.33 -10.62
N GLY B 91 4.41 12.43 -9.60
CA GLY B 91 4.61 11.60 -8.39
C GLY B 91 5.88 11.96 -7.66
N ILE B 92 6.11 13.25 -7.59
CA ILE B 92 7.44 13.81 -7.26
C ILE B 92 8.07 13.21 -6.01
N TYR B 93 7.29 13.04 -4.96
CA TYR B 93 7.82 12.53 -3.69
C TYR B 93 7.48 11.07 -3.37
N ASP B 94 7.01 10.30 -4.37
CA ASP B 94 6.58 8.92 -4.04
C ASP B 94 7.73 7.95 -3.69
N ASP B 95 8.97 8.29 -4.07
CA ASP B 95 10.08 7.43 -3.70
C ASP B 95 10.86 7.97 -2.53
N ASP B 96 10.23 8.88 -1.80
CA ASP B 96 10.85 9.49 -0.65
C ASP B 96 9.97 9.09 0.53
N PRO B 97 10.38 8.06 1.30
CA PRO B 97 9.43 7.55 2.34
C PRO B 97 9.20 8.50 3.49
N GLU B 98 10.08 9.47 3.66
CA GLU B 98 9.99 10.46 4.78
C GLU B 98 8.99 11.56 4.56
N ILE B 99 8.38 11.59 3.35
CA ILE B 99 7.46 12.65 2.95
C ILE B 99 6.12 11.99 2.60
N ILE B 100 5.04 12.38 3.26
CA ILE B 100 3.73 11.78 2.98
C ILE B 100 3.04 12.73 2.00
N THR B 101 2.65 12.21 0.83
CA THR B 101 1.88 13.02 -0.11
C THR B 101 0.39 12.90 0.25
N LEU B 102 -0.23 14.02 0.56
CA LEU B 102 -1.59 14.04 1.16
C LEU B 102 -2.63 14.49 0.11
N GLU B 103 -3.67 13.65 -0.10
CA GLU B 103 -4.90 14.07 -0.79
C GLU B 103 -5.86 14.74 0.21
N ARG B 104 -6.88 15.43 -0.28
CA ARG B 104 -7.73 16.27 0.57
C ARG B 104 -8.16 15.65 1.94
N ARG B 105 -8.81 14.49 1.94
CA ARG B 105 -9.33 13.91 3.19
C ARG B 105 -8.24 13.53 4.19
N GLU B 106 -7.11 13.03 3.66
CA GLU B 106 -5.93 12.71 4.48
C GLU B 106 -5.29 13.98 4.99
N PHE B 107 -5.32 15.03 4.18
CA PHE B 107 -4.84 16.35 4.63
C PHE B 107 -5.69 16.86 5.81
N ASP B 108 -7.02 16.84 5.64
CA ASP B 108 -7.97 17.18 6.73
C ASP B 108 -7.70 16.37 8.01
N ALA B 109 -7.57 15.04 7.87
CA ALA B 109 -7.26 14.20 9.04
C ALA B 109 -5.93 14.65 9.68
N ALA B 110 -4.94 14.90 8.85
CA ALA B 110 -3.63 15.34 9.32
C ALA B 110 -3.57 16.65 10.10
N VAL B 111 -4.06 17.73 9.52
CA VAL B 111 -3.96 19.01 10.20
C VAL B 111 -4.89 19.14 11.45
N ASN B 112 -5.78 18.15 11.62
CA ASN B 112 -6.71 18.13 12.76
C ASN B 112 -6.44 17.06 13.80
N SER B 113 -5.35 16.30 13.61
CA SER B 113 -5.04 15.18 14.50
C SER B 113 -4.37 15.68 15.77
N GLY B 114 -3.75 16.84 15.71
CA GLY B 114 -2.95 17.33 16.83
C GLY B 114 -1.46 17.14 16.63
N GLU B 115 -1.10 16.33 15.63
CA GLU B 115 0.31 16.24 15.22
C GLU B 115 0.76 17.50 14.49
N LEU B 116 2.06 17.79 14.50
CA LEU B 116 2.62 18.95 13.80
C LEU B 116 2.99 18.57 12.38
N TRP B 117 2.37 19.21 11.38
CA TRP B 117 2.61 18.86 9.98
C TRP B 117 3.17 20.06 9.25
N PHE B 118 4.28 19.88 8.54
CA PHE B 118 4.91 20.96 7.72
C PHE B 118 4.76 20.47 6.32
N VAL B 119 3.94 21.18 5.54
CA VAL B 119 3.46 20.72 4.22
C VAL B 119 3.99 21.58 3.08
N ASN B 120 4.53 20.94 2.05
CA ASN B 120 4.90 21.59 0.79
C ASN B 120 3.73 21.52 -0.18
N PHE B 121 2.99 22.61 -0.36
CA PHE B 121 2.06 22.69 -1.50
C PHE B 121 2.77 23.06 -2.85
N TYR B 122 2.81 22.13 -3.79
CA TYR B 122 3.60 22.31 -5.00
C TYR B 122 2.70 22.07 -6.23
N SER B 123 3.28 22.32 -7.40
CA SER B 123 2.54 22.16 -8.68
C SER B 123 3.48 21.53 -9.66
N PRO B 124 2.92 20.75 -10.56
CA PRO B 124 3.73 20.38 -11.72
C PRO B 124 3.98 21.62 -12.57
N GLY B 125 4.95 21.55 -13.48
CA GLY B 125 5.23 22.69 -14.38
C GLY B 125 5.81 23.89 -13.61
N CYS B 126 6.43 23.63 -12.47
CA CYS B 126 6.93 24.69 -11.59
C CYS B 126 8.44 24.52 -11.39
N SER B 127 9.24 25.38 -12.01
CA SER B 127 10.69 25.34 -11.85
C SER B 127 11.16 25.64 -10.40
N HIS B 128 10.46 26.54 -9.72
CA HIS B 128 10.68 26.79 -8.27
C HIS B 128 10.40 25.60 -7.36
N CYS B 129 9.38 24.84 -7.73
CA CYS B 129 9.10 23.60 -6.99
C CYS B 129 10.22 22.59 -7.22
N HIS B 130 10.65 22.47 -8.47
CA HIS B 130 11.68 21.54 -8.80
C HIS B 130 12.99 21.93 -8.14
N ASP B 131 13.23 23.24 -8.06
CA ASP B 131 14.39 23.76 -7.32
C ASP B 131 14.38 23.36 -5.84
N LEU B 132 13.17 23.32 -5.24
CA LEU B 132 13.02 22.99 -3.82
C LEU B 132 13.09 21.47 -3.53
N ALA B 133 12.58 20.64 -4.46
CA ALA B 133 12.50 19.17 -4.13
C ALA B 133 13.68 18.47 -3.44
N PRO B 134 14.94 18.59 -3.98
CA PRO B 134 16.07 17.87 -3.38
C PRO B 134 16.29 18.33 -1.92
N THR B 135 16.12 19.64 -1.69
CA THR B 135 16.13 20.21 -0.36
C THR B 135 15.02 19.68 0.55
N TRP B 136 13.80 19.58 0.00
CA TRP B 136 12.67 19.08 0.77
C TRP B 136 12.94 17.63 1.16
N ARG B 137 13.49 16.86 0.22
CA ARG B 137 13.88 15.47 0.54
C ARG B 137 14.92 15.39 1.65
N GLU B 138 15.97 16.23 1.55
CA GLU B 138 17.07 16.14 2.50
C GLU B 138 16.64 16.64 3.87
N PHE B 139 15.77 17.67 3.87
CA PHE B 139 15.13 18.18 5.08
C PHE B 139 14.29 17.14 5.78
N ALA B 140 13.44 16.45 5.02
CA ALA B 140 12.56 15.44 5.59
C ALA B 140 13.37 14.30 6.20
N LYS B 141 14.54 13.95 5.62
CA LYS B 141 15.35 12.88 6.23
C LYS B 141 15.97 13.36 7.55
N GLU B 142 16.43 14.61 7.57
CA GLU B 142 17.02 15.15 8.79
C GLU B 142 16.08 15.17 10.02
N VAL B 143 14.85 15.59 9.78
CA VAL B 143 13.87 15.73 10.84
C VAL B 143 12.90 14.56 10.95
N ASP B 144 13.18 13.48 10.24
CA ASP B 144 12.33 12.25 10.26
C ASP B 144 11.94 11.84 11.68
N GLY B 145 10.63 11.71 11.89
CA GLY B 145 10.10 11.34 13.20
C GLY B 145 9.96 12.44 14.26
N LEU B 146 10.50 13.64 14.00
CA LEU B 146 10.41 14.77 14.97
C LEU B 146 9.11 15.58 14.78
N LEU B 147 8.65 15.62 13.55
CA LEU B 147 7.35 16.19 13.20
C LEU B 147 6.97 15.49 11.91
N ARG B 148 5.76 15.72 11.42
CA ARG B 148 5.32 15.09 10.19
C ARG B 148 5.63 15.97 8.96
N ILE B 149 6.20 15.40 7.92
CA ILE B 149 6.52 16.15 6.71
C ILE B 149 5.58 15.71 5.59
N GLY B 150 4.84 16.67 5.05
CA GLY B 150 3.87 16.38 3.96
C GLY B 150 4.13 17.12 2.67
N ALA B 151 3.41 16.71 1.65
CA ALA B 151 3.38 17.42 0.37
C ALA B 151 1.98 17.31 -0.18
N VAL B 152 1.50 18.39 -0.80
CA VAL B 152 0.25 18.41 -1.50
C VAL B 152 0.45 18.82 -2.95
N ASN B 153 -0.02 17.98 -3.86
CA ASN B 153 0.11 18.19 -5.28
C ASN B 153 -1.08 19.02 -5.72
N CYS B 154 -0.85 20.33 -5.85
CA CYS B 154 -1.93 21.23 -6.24
C CYS B 154 -2.40 20.95 -7.66
N GLY B 155 -1.57 20.31 -8.48
CA GLY B 155 -2.00 20.02 -9.84
C GLY B 155 -3.18 19.06 -9.83
N ASP B 156 -3.27 18.24 -8.80
CA ASP B 156 -4.34 17.24 -8.68
C ASP B 156 -5.58 17.72 -7.97
N ASP B 157 -5.48 18.86 -7.27
CA ASP B 157 -6.65 19.37 -6.52
C ASP B 157 -6.45 20.84 -6.32
N ARG B 158 -6.74 21.57 -7.38
CA ARG B 158 -6.50 22.99 -7.41
C ARG B 158 -7.35 23.70 -6.36
N MET B 159 -8.58 23.24 -6.15
CA MET B 159 -9.48 23.91 -5.20
C MET B 159 -9.01 23.74 -3.76
N LEU B 160 -8.46 22.56 -3.45
CA LEU B 160 -7.91 22.35 -2.11
C LEU B 160 -6.86 23.41 -1.86
N CYS B 161 -5.94 23.58 -2.84
CA CYS B 161 -4.86 24.56 -2.67
C CYS B 161 -5.36 26.02 -2.53
N ARG B 162 -6.30 26.39 -3.39
CA ARG B 162 -6.94 27.71 -3.32
C ARG B 162 -7.56 27.90 -1.93
N MET B 163 -8.28 26.89 -1.46
CA MET B 163 -8.96 27.00 -0.16
C MET B 163 -8.04 26.97 1.04
N LYS B 164 -6.80 26.55 0.87
CA LYS B 164 -5.82 26.67 1.94
C LYS B 164 -4.98 27.96 1.84
N GLY B 165 -5.28 28.76 0.81
CA GLY B 165 -4.72 30.09 0.57
C GLY B 165 -3.36 30.05 -0.10
N VAL B 166 -3.19 29.10 -1.02
CA VAL B 166 -1.93 28.91 -1.75
C VAL B 166 -1.72 29.86 -2.95
N ASN B 167 -1.09 31.00 -2.65
CA ASN B 167 -0.95 32.13 -3.61
C ASN B 167 -0.10 31.83 -4.82
N SER B 168 0.94 31.03 -4.62
CA SER B 168 1.77 30.57 -5.73
C SER B 168 2.50 29.30 -5.25
N TYR B 169 3.39 28.77 -6.08
CA TYR B 169 4.08 27.50 -5.76
C TYR B 169 5.60 27.61 -5.81
N PRO B 170 6.33 26.87 -4.94
CA PRO B 170 5.75 26.12 -3.82
C PRO B 170 5.36 27.04 -2.66
N SER B 171 4.35 26.67 -1.86
CA SER B 171 4.04 27.33 -0.57
C SER B 171 4.15 26.34 0.58
N LEU B 172 4.87 26.75 1.64
CA LEU B 172 5.20 25.85 2.75
C LEU B 172 4.50 26.37 4.00
N PHE B 173 3.57 25.59 4.54
CA PHE B 173 2.82 25.99 5.73
C PHE B 173 3.00 24.90 6.78
N ILE B 174 2.97 25.32 8.03
CA ILE B 174 3.03 24.37 9.13
C ILE B 174 1.70 24.47 9.91
N PHE B 175 1.17 23.32 10.32
CA PHE B 175 -0.16 23.21 10.89
C PHE B 175 -0.06 22.38 12.14
N ARG B 176 -0.95 22.67 13.07
CA ARG B 176 -1.18 21.86 14.25
C ARG B 176 -2.57 22.20 14.74
N SER B 177 -3.40 21.19 14.91
CA SER B 177 -4.78 21.38 15.30
C SER B 177 -4.87 22.36 16.50
N GLY B 178 -5.78 23.33 16.43
CA GLY B 178 -5.98 24.26 17.56
C GLY B 178 -5.08 25.48 17.52
N MET B 179 -4.17 25.53 16.55
CA MET B 179 -3.24 26.65 16.33
CA MET B 179 -3.32 26.70 16.35
C MET B 179 -3.52 27.20 14.93
N ALA B 180 -3.35 28.48 14.71
CA ALA B 180 -3.48 28.98 13.35
C ALA B 180 -2.29 28.44 12.56
N ALA B 181 -2.50 28.18 11.27
CA ALA B 181 -1.41 27.75 10.40
C ALA B 181 -0.42 28.89 10.22
N VAL B 182 0.86 28.53 10.05
CA VAL B 182 1.96 29.50 9.89
C VAL B 182 2.69 29.33 8.56
N LYS B 183 2.84 30.41 7.78
CA LYS B 183 3.52 30.28 6.48
C LYS B 183 5.04 30.40 6.62
N TYR B 184 5.78 29.51 5.98
CA TYR B 184 7.24 29.64 5.98
C TYR B 184 7.69 30.66 4.95
N ASN B 185 8.53 31.61 5.36
CA ASN B 185 9.05 32.65 4.47
C ASN B 185 10.58 32.87 4.51
N GLY B 186 11.29 31.88 5.02
CA GLY B 186 12.75 31.85 5.01
C GLY B 186 13.33 31.62 3.63
N ASP B 187 14.66 31.46 3.56
CA ASP B 187 15.36 31.36 2.26
C ASP B 187 15.35 30.01 1.53
N ARG B 188 14.64 29.01 2.09
CA ARG B 188 14.47 27.66 1.53
C ARG B 188 15.71 26.77 1.58
N SER B 189 16.78 27.21 2.22
CA SER B 189 17.92 26.32 2.51
C SER B 189 17.51 25.24 3.52
N LYS B 190 18.17 24.08 3.45
CA LYS B 190 17.86 22.97 4.37
C LYS B 190 17.95 23.44 5.81
N GLU B 191 19.04 24.16 6.17
CA GLU B 191 19.22 24.65 7.54
C GLU B 191 18.11 25.63 7.97
N SER B 192 17.70 26.51 7.06
CA SER B 192 16.55 27.36 7.36
C SER B 192 15.28 26.55 7.65
N LEU B 193 15.01 25.52 6.86
CA LEU B 193 13.79 24.67 7.08
C LEU B 193 13.85 23.95 8.41
N VAL B 194 15.03 23.45 8.72
CA VAL B 194 15.20 22.71 9.98
C VAL B 194 14.95 23.67 11.17
N ALA B 195 15.57 24.86 11.17
CA ALA B 195 15.39 25.78 12.29
C ALA B 195 13.94 26.21 12.46
N PHE B 196 13.24 26.41 11.34
CA PHE B 196 11.86 26.84 11.39
C PHE B 196 10.99 25.70 11.92
N ALA B 197 11.17 24.49 11.39
CA ALA B 197 10.50 23.33 11.91
C ALA B 197 10.71 23.14 13.42
N MET B 198 11.95 23.27 13.87
N MET B 198 11.96 23.28 13.85
CA MET B 198 12.26 22.97 15.27
CA MET B 198 12.34 23.01 15.24
C MET B 198 11.67 23.98 16.26
C MET B 198 11.68 23.97 16.23
N GLN B 199 11.61 25.24 15.85
CA GLN B 199 10.95 26.26 16.69
C GLN B 199 9.49 25.95 16.99
N HIS B 200 8.81 25.33 16.02
CA HIS B 200 7.45 24.80 16.18
C HIS B 200 7.36 23.45 16.87
N VAL B 201 8.36 22.59 16.69
CA VAL B 201 8.44 21.37 17.51
C VAL B 201 8.55 21.74 18.99
N ARG B 202 9.51 22.62 19.30
CA ARG B 202 9.72 23.16 20.63
C ARG B 202 8.41 23.75 21.16
N SER B 203 7.83 24.69 20.42
CA SER B 203 6.62 25.40 20.89
C SER B 203 5.37 24.56 20.64
#